data_3B3J
#
_entry.id   3B3J
#
_cell.length_a   136.022
_cell.length_b   136.022
_cell.length_c   125.304
_cell.angle_alpha   90.00
_cell.angle_beta   90.00
_cell.angle_gamma   120.00
#
_symmetry.space_group_name_H-M   'P 62 2 2'
#
loop_
_entity.id
_entity.type
_entity.pdbx_description
1 polymer 'Histone-arginine methyltransferase CARM1'
2 non-polymer BENZAMIDINE
3 water water
#
_entity_poly.entity_id   1
_entity_poly.type   'polypeptide(L)'
_entity_poly.pdbx_seq_one_letter_code
;ATVSVFPGARLLTIGDANGEIQRHAEQQALRLEVRAGPDAAGIALYSHEDVCVFKCSVSRETECSRVGRQSFIITLGCNS
VLIQFATPHDFCSFYNILKTCRGHTLERSVFSERTEESSAVQYFQFYGYLSQQQNMMQDYVRTGTYQRAILQNHTDFKDK
IVLDVGCGSGILSFFAAQAGARKIYAVEASTMAQHAEVLVKSNNLTDRIVVIPGKVEEVSLPEQVDIIISEPMGYMLFNE
RMLESYLHAKKYLKPSGNMFPTIGDVHLAPFTDEQLYMEQFTKANFWYQPSFHGVDLSALRGAAVDEYFRQPVVDTFDIR
ILMAKSVKYTVNFLEAKEGDLHRIEIPFKFHMLHSGLVHGLAFWFDVAFIGSIMTVWLSTAPTEPLTHWYQVRCLFQSPL
FAKAGDTLSGTCLLIANKRQSYDISIVAQVDQTGSKSSNLLDLKNPFFRYTGTTPSPPPGSHYTSPSENMWNTGSTYNLS
;
_entity_poly.pdbx_strand_id   A
#
loop_
_chem_comp.id
_chem_comp.type
_chem_comp.name
_chem_comp.formula
BEN non-polymer BENZAMIDINE 'C7 H8 N2'
#
# COMPACT_ATOMS: atom_id res chain seq x y z
N ALA A 120 24.87 -13.81 -0.02
CA ALA A 120 24.49 -14.84 -1.03
C ALA A 120 22.98 -14.87 -1.35
N VAL A 121 22.21 -13.91 -0.82
CA VAL A 121 20.79 -13.77 -1.25
C VAL A 121 19.78 -14.74 -0.61
N GLN A 122 18.77 -14.15 0.03
CA GLN A 122 17.84 -14.90 0.85
C GLN A 122 16.47 -14.30 0.73
N TYR A 123 15.46 -15.17 0.74
CA TYR A 123 14.08 -14.73 0.69
C TYR A 123 13.35 -14.92 2.03
N PHE A 124 12.74 -13.86 2.55
CA PHE A 124 12.03 -13.95 3.83
C PHE A 124 10.63 -13.43 3.64
N GLN A 125 9.69 -13.93 4.42
CA GLN A 125 8.34 -13.34 4.44
C GLN A 125 8.45 -11.91 4.89
N PHE A 126 7.94 -10.99 4.09
CA PHE A 126 8.01 -9.56 4.38
C PHE A 126 7.30 -9.21 5.70
N TYR A 127 6.13 -9.81 5.94
CA TYR A 127 5.37 -9.49 7.17
C TYR A 127 5.93 -10.03 8.49
N GLY A 128 6.83 -11.00 8.45
CA GLY A 128 7.45 -11.37 9.73
C GLY A 128 8.93 -11.07 9.88
N TYR A 129 9.47 -10.31 8.94
CA TYR A 129 10.91 -10.11 8.85
C TYR A 129 11.53 -9.33 10.04
N LEU A 130 10.90 -8.24 10.43
CA LEU A 130 11.43 -7.33 11.44
C LEU A 130 11.29 -7.90 12.85
N SER A 131 12.28 -7.64 13.70
CA SER A 131 12.19 -7.97 15.12
C SER A 131 11.07 -7.18 15.77
N GLN A 132 10.75 -7.54 17.01
CA GLN A 132 9.74 -6.85 17.81
C GLN A 132 10.13 -5.38 18.03
N GLN A 133 11.40 -5.15 18.38
CA GLN A 133 11.93 -3.79 18.52
C GLN A 133 11.88 -3.01 17.19
N GLN A 134 12.26 -3.66 16.11
CA GLN A 134 12.22 -3.01 14.81
C GLN A 134 10.80 -2.59 14.41
N ASN A 135 9.84 -3.48 14.55
CA ASN A 135 8.44 -3.12 14.36
C ASN A 135 8.01 -1.96 15.25
N MET A 136 8.41 -1.95 16.52
CA MET A 136 8.01 -0.83 17.39
C MET A 136 8.68 0.46 16.90
N MET A 137 9.97 0.41 16.62
CA MET A 137 10.67 1.57 16.06
C MET A 137 10.05 2.08 14.77
N GLN A 138 9.54 1.16 13.94
CA GLN A 138 8.87 1.57 12.75
C GLN A 138 7.53 2.27 12.98
N ASP A 139 6.72 1.85 13.96
CA ASP A 139 5.51 2.60 14.30
C ASP A 139 5.81 3.99 14.86
N TYR A 140 6.93 4.11 15.58
CA TYR A 140 7.32 5.40 16.14
C TYR A 140 7.62 6.38 15.01
N VAL A 141 8.40 5.94 14.05
CA VAL A 141 8.85 6.76 12.95
C VAL A 141 7.65 7.22 12.08
N ARG A 142 6.75 6.30 11.77
CA ARG A 142 5.62 6.61 10.91
C ARG A 142 4.53 7.44 11.55
N THR A 143 4.13 7.11 12.77
CA THR A 143 3.19 7.96 13.48
C THR A 143 3.82 9.32 13.61
N GLY A 144 5.15 9.31 13.70
CA GLY A 144 5.95 10.53 13.70
C GLY A 144 5.67 11.39 12.50
N THR A 145 5.69 10.80 11.30
CA THR A 145 5.42 11.61 10.12
C THR A 145 3.94 11.99 10.01
N TYR A 146 3.04 11.25 10.65
CA TYR A 146 1.65 11.68 10.68
C TYR A 146 1.44 12.89 11.61
N GLN A 147 2.16 12.92 12.73
CA GLN A 147 2.00 14.01 13.66
C GLN A 147 2.45 15.30 12.97
N ARG A 148 3.62 15.28 12.36
CA ARG A 148 4.14 16.44 11.63
C ARG A 148 3.14 16.91 10.59
N ALA A 149 2.58 16.00 9.81
CA ALA A 149 1.60 16.38 8.81
C ALA A 149 0.36 17.06 9.43
N ILE A 150 -0.16 16.50 10.51
CA ILE A 150 -1.32 17.09 11.19
C ILE A 150 -0.98 18.47 11.79
N LEU A 151 0.21 18.59 12.39
CA LEU A 151 0.66 19.85 12.99
C LEU A 151 0.91 20.96 11.95
N GLN A 152 1.59 20.63 10.85
CA GLN A 152 1.79 21.56 9.75
C GLN A 152 0.48 22.08 9.17
N ASN A 153 -0.57 21.24 9.24
CA ASN A 153 -1.89 21.61 8.77
C ASN A 153 -2.85 21.86 9.93
N HIS A 154 -2.34 22.42 11.03
CA HIS A 154 -3.14 22.67 12.23
C HIS A 154 -4.43 23.46 11.94
N THR A 155 -4.40 24.23 10.86
CA THR A 155 -5.54 25.04 10.46
C THR A 155 -6.74 24.17 10.00
N ASP A 156 -6.47 22.92 9.61
CA ASP A 156 -7.51 21.98 9.19
C ASP A 156 -8.09 21.27 10.39
N PHE A 157 -7.51 21.50 11.56
CA PHE A 157 -7.93 20.83 12.77
C PHE A 157 -8.41 21.77 13.86
N LYS A 158 -7.89 23.01 13.87
CA LYS A 158 -8.23 23.98 14.91
C LYS A 158 -9.73 24.22 15.06
N ASP A 159 -10.25 23.85 16.24
CA ASP A 159 -11.67 24.05 16.63
C ASP A 159 -12.65 23.26 15.74
N LYS A 160 -12.18 22.16 15.17
CA LYS A 160 -12.99 21.37 14.26
C LYS A 160 -13.50 20.10 14.94
N ILE A 161 -14.50 19.48 14.33
CA ILE A 161 -14.95 18.18 14.78
C ILE A 161 -14.31 17.09 13.92
N VAL A 162 -13.74 16.09 14.58
CA VAL A 162 -12.92 15.07 13.94
C VAL A 162 -13.43 13.69 14.25
N LEU A 163 -13.42 12.84 13.23
CA LEU A 163 -13.71 11.44 13.40
C LEU A 163 -12.47 10.63 13.06
N ASP A 164 -11.97 9.91 14.05
CA ASP A 164 -10.83 9.01 13.92
C ASP A 164 -11.36 7.60 13.76
N VAL A 165 -11.07 7.00 12.62
CA VAL A 165 -11.64 5.70 12.31
C VAL A 165 -10.63 4.61 12.56
N GLY A 166 -10.83 3.92 13.69
CA GLY A 166 -10.23 2.61 14.03
C GLY A 166 -8.73 2.40 14.00
N CYS A 167 -8.21 1.72 15.03
CA CYS A 167 -6.84 1.12 15.04
C CYS A 167 -5.59 2.07 15.11
N GLY A 168 -4.57 1.60 15.85
CA GLY A 168 -3.44 2.46 16.26
C GLY A 168 -3.66 2.99 17.68
N SER A 169 -4.71 2.49 18.33
CA SER A 169 -5.04 2.76 19.75
C SER A 169 -5.44 4.22 20.05
N GLY A 170 -5.87 4.91 18.98
CA GLY A 170 -6.47 6.23 19.10
C GLY A 170 -5.46 7.35 18.93
N ILE A 171 -4.23 6.96 18.63
CA ILE A 171 -3.11 7.89 18.70
C ILE A 171 -3.23 9.13 17.79
N LEU A 172 -3.80 8.96 16.60
CA LEU A 172 -4.05 10.11 15.73
C LEU A 172 -5.01 11.11 16.37
N SER A 173 -5.93 10.62 17.19
CA SER A 173 -6.82 11.52 17.91
C SER A 173 -6.02 12.46 18.82
N PHE A 174 -4.92 11.95 19.35
CA PHE A 174 -4.10 12.75 20.24
C PHE A 174 -3.39 13.83 19.45
N PHE A 175 -3.07 13.54 18.19
CA PHE A 175 -2.49 14.52 17.30
C PHE A 175 -3.54 15.54 16.87
N ALA A 176 -4.75 15.08 16.59
CA ALA A 176 -5.86 16.00 16.32
C ALA A 176 -6.06 16.96 17.51
N ALA A 177 -5.90 16.47 18.74
CA ALA A 177 -6.06 17.30 19.92
C ALA A 177 -4.90 18.29 20.06
N GLN A 178 -3.68 17.79 19.86
CA GLN A 178 -2.49 18.61 19.90
C GLN A 178 -2.65 19.79 18.98
N ALA A 179 -3.19 19.53 17.78
CA ALA A 179 -3.42 20.57 16.78
C ALA A 179 -4.60 21.48 17.10
N GLY A 180 -5.34 21.19 18.15
CA GLY A 180 -6.39 22.09 18.63
C GLY A 180 -7.83 21.74 18.29
N ALA A 181 -8.10 20.49 17.93
CA ALA A 181 -9.46 20.11 17.56
C ALA A 181 -10.39 20.36 18.73
N ARG A 182 -11.62 20.79 18.44
CA ARG A 182 -12.61 21.01 19.51
C ARG A 182 -13.09 19.68 20.11
N LYS A 183 -13.50 18.75 19.26
CA LYS A 183 -14.01 17.46 19.69
C LYS A 183 -13.63 16.36 18.71
N ILE A 184 -13.22 15.22 19.27
CA ILE A 184 -12.80 14.08 18.48
C ILE A 184 -13.56 12.86 18.88
N TYR A 185 -14.24 12.26 17.91
CA TYR A 185 -14.77 10.93 18.08
C TYR A 185 -13.78 9.88 17.58
N ALA A 186 -13.36 9.01 18.47
CA ALA A 186 -12.49 7.91 18.10
C ALA A 186 -13.34 6.63 18.12
N VAL A 187 -13.50 6.02 16.95
CA VAL A 187 -14.29 4.79 16.81
C VAL A 187 -13.36 3.60 16.66
N GLU A 188 -13.49 2.62 17.53
CA GLU A 188 -12.63 1.42 17.47
C GLU A 188 -13.20 0.18 18.13
N ALA A 189 -12.74 -0.99 17.65
CA ALA A 189 -13.09 -2.30 18.26
C ALA A 189 -12.88 -2.28 19.77
N SER A 190 -13.79 -2.91 20.50
CA SER A 190 -13.82 -2.85 21.97
C SER A 190 -12.54 -3.21 22.76
N THR A 191 -11.68 -4.09 22.25
CA THR A 191 -10.44 -4.39 22.98
C THR A 191 -9.51 -3.18 22.93
N MET A 192 -9.19 -2.75 21.73
CA MET A 192 -8.33 -1.59 21.50
C MET A 192 -8.98 -0.33 22.07
N ALA A 193 -10.30 -0.35 22.20
CA ALA A 193 -11.05 0.81 22.68
C ALA A 193 -10.81 1.11 24.14
N GLN A 194 -10.56 0.06 24.92
CA GLN A 194 -10.40 0.21 26.36
C GLN A 194 -9.04 0.80 26.72
N HIS A 195 -8.05 0.39 25.95
CA HIS A 195 -6.72 0.96 26.03
C HIS A 195 -6.76 2.44 25.66
N ALA A 196 -7.48 2.77 24.60
CA ALA A 196 -7.64 4.19 24.22
C ALA A 196 -8.34 4.98 25.35
N GLU A 197 -9.36 4.38 25.94
CA GLU A 197 -10.15 5.02 27.00
C GLU A 197 -9.25 5.28 28.19
N VAL A 198 -8.32 4.36 28.45
CA VAL A 198 -7.32 4.55 29.48
C VAL A 198 -6.42 5.73 29.12
N LEU A 199 -5.98 5.82 27.86
CA LEU A 199 -5.06 6.88 27.46
C LEU A 199 -5.72 8.26 27.49
N VAL A 200 -6.96 8.33 27.04
CA VAL A 200 -7.73 9.56 27.09
C VAL A 200 -7.79 10.15 28.50
N LYS A 201 -8.12 9.30 29.48
CA LYS A 201 -8.22 9.71 30.88
C LYS A 201 -6.89 10.18 31.42
N SER A 202 -5.82 9.45 31.15
CA SER A 202 -4.57 9.76 31.84
C SER A 202 -3.79 10.88 31.17
N ASN A 203 -4.30 11.34 30.04
CA ASN A 203 -3.78 12.50 29.31
C ASN A 203 -4.70 13.71 29.47
N ASN A 204 -5.72 13.55 30.32
CA ASN A 204 -6.74 14.58 30.61
C ASN A 204 -7.43 15.16 29.40
N LEU A 205 -7.90 14.28 28.51
CA LEU A 205 -8.57 14.73 27.31
C LEU A 205 -10.02 14.23 27.20
N THR A 206 -10.58 13.87 28.35
CA THR A 206 -11.98 13.43 28.50
C THR A 206 -13.01 14.42 27.98
N ASP A 207 -12.69 15.71 28.01
CA ASP A 207 -13.59 16.70 27.43
C ASP A 207 -13.42 16.80 25.90
N ARG A 208 -12.35 16.21 25.37
CA ARG A 208 -12.03 16.44 23.96
C ARG A 208 -12.05 15.20 23.06
N ILE A 209 -11.75 14.03 23.62
CA ILE A 209 -11.81 12.77 22.85
C ILE A 209 -12.88 11.84 23.43
N VAL A 210 -13.85 11.46 22.61
CA VAL A 210 -14.89 10.51 22.99
C VAL A 210 -14.62 9.17 22.27
N VAL A 211 -14.31 8.14 23.05
CA VAL A 211 -14.01 6.86 22.48
C VAL A 211 -15.32 6.13 22.33
N ILE A 212 -15.68 5.75 21.12
CA ILE A 212 -16.89 4.98 20.94
C ILE A 212 -16.64 3.57 20.42
N PRO A 213 -17.00 2.57 21.23
CA PRO A 213 -16.65 1.19 20.88
C PRO A 213 -17.51 0.68 19.73
N GLY A 214 -16.88 0.11 18.71
CA GLY A 214 -17.58 -0.57 17.60
C GLY A 214 -17.07 -0.34 16.18
N LYS A 215 -17.97 -0.57 15.22
CA LYS A 215 -17.68 -0.41 13.80
C LYS A 215 -18.31 0.88 13.35
N VAL A 216 -17.75 1.56 12.36
CA VAL A 216 -18.32 2.85 11.95
C VAL A 216 -19.74 2.72 11.40
N GLU A 217 -20.01 1.61 10.72
CA GLU A 217 -21.31 1.38 10.10
C GLU A 217 -22.44 1.22 11.11
N GLU A 218 -22.22 0.46 12.19
CA GLU A 218 -23.26 0.25 13.22
C GLU A 218 -23.21 1.16 14.43
N VAL A 219 -22.23 2.06 14.47
CA VAL A 219 -22.09 2.97 15.60
C VAL A 219 -22.94 4.24 15.37
N SER A 220 -23.04 5.12 16.36
CA SER A 220 -23.78 6.38 16.18
C SER A 220 -23.09 7.61 16.77
N LEU A 221 -22.93 8.65 15.96
CA LEU A 221 -22.33 9.89 16.41
C LEU A 221 -23.39 10.96 16.55
N PRO A 222 -23.31 11.77 17.60
CA PRO A 222 -24.31 12.80 17.85
C PRO A 222 -24.24 14.06 16.97
N GLU A 223 -23.41 14.03 15.92
CA GLU A 223 -23.21 15.21 15.06
C GLU A 223 -22.35 14.88 13.84
N GLN A 224 -22.42 15.74 12.84
CA GLN A 224 -21.56 15.62 11.66
C GLN A 224 -20.15 16.14 11.96
N VAL A 225 -19.16 15.72 11.17
CA VAL A 225 -17.74 16.09 11.38
C VAL A 225 -17.10 16.87 10.19
N ASP A 226 -16.05 17.62 10.51
CA ASP A 226 -15.30 18.44 9.55
C ASP A 226 -14.21 17.62 8.84
N ILE A 227 -13.64 16.65 9.55
CA ILE A 227 -12.55 15.83 9.02
C ILE A 227 -12.59 14.38 9.54
N ILE A 228 -12.38 13.44 8.63
CA ILE A 228 -12.24 12.05 8.98
C ILE A 228 -10.77 11.67 8.85
N ILE A 229 -10.22 11.11 9.91
CA ILE A 229 -8.84 10.64 9.87
C ILE A 229 -8.68 9.13 10.06
N SER A 230 -7.66 8.57 9.43
CA SER A 230 -7.38 7.15 9.53
C SER A 230 -5.90 6.93 9.33
N GLU A 231 -5.31 6.09 10.15
CA GLU A 231 -3.87 5.84 10.07
C GLU A 231 -3.50 4.90 8.91
N PRO A 232 -2.80 5.42 7.89
CA PRO A 232 -2.53 4.69 6.63
C PRO A 232 -1.35 3.69 6.68
N MET A 233 -1.40 2.73 7.59
CA MET A 233 -0.46 1.62 7.61
C MET A 233 -0.74 0.76 6.38
N GLY A 234 0.24 -0.07 6.01
CA GLY A 234 0.04 -1.08 4.97
C GLY A 234 -1.30 -1.82 5.07
N TYR A 235 -1.66 -2.27 6.27
CA TYR A 235 -2.91 -3.02 6.42
C TYR A 235 -4.17 -2.17 6.67
N MET A 236 -4.13 -0.95 6.14
CA MET A 236 -5.32 -0.21 5.73
C MET A 236 -5.34 -0.26 4.19
N LEU A 237 -4.17 -0.04 3.59
CA LEU A 237 -4.07 0.19 2.15
C LEU A 237 -4.32 -1.05 1.28
N PHE A 238 -4.00 -2.22 1.80
CA PHE A 238 -4.13 -3.44 1.02
C PHE A 238 -5.28 -4.38 1.47
N ASN A 239 -6.19 -3.86 2.28
CA ASN A 239 -7.29 -4.62 2.85
C ASN A 239 -8.60 -3.89 2.56
N GLU A 240 -9.46 -4.45 1.70
CA GLU A 240 -10.65 -3.70 1.30
C GLU A 240 -11.67 -3.51 2.42
N ARG A 241 -11.69 -4.41 3.39
CA ARG A 241 -12.51 -4.18 4.57
C ARG A 241 -12.18 -2.84 5.24
N MET A 242 -10.90 -2.54 5.43
CA MET A 242 -10.53 -1.27 6.02
C MET A 242 -10.88 -0.09 5.11
N LEU A 243 -10.72 -0.27 3.80
CA LEU A 243 -11.02 0.83 2.87
C LEU A 243 -12.52 1.11 2.82
N GLU A 244 -13.34 0.07 2.72
CA GLU A 244 -14.78 0.23 2.80
C GLU A 244 -15.19 1.04 4.03
N SER A 245 -14.67 0.68 5.21
CA SER A 245 -15.07 1.36 6.43
C SER A 245 -14.68 2.81 6.33
N TYR A 246 -13.47 3.06 5.88
CA TYR A 246 -12.99 4.41 5.71
C TYR A 246 -13.99 5.19 4.84
N LEU A 247 -14.40 4.62 3.71
CA LEU A 247 -15.38 5.25 2.83
C LEU A 247 -16.74 5.36 3.48
N HIS A 248 -17.11 4.34 4.26
CA HIS A 248 -18.42 4.33 4.89
C HIS A 248 -18.53 5.51 5.84
N ALA A 249 -17.42 5.86 6.48
CA ALA A 249 -17.40 6.93 7.46
C ALA A 249 -17.78 8.32 6.90
N LYS A 250 -17.69 8.50 5.58
CA LYS A 250 -18.09 9.75 4.92
C LYS A 250 -19.55 10.07 5.13
N LYS A 251 -20.33 9.09 5.54
CA LYS A 251 -21.71 9.40 5.84
C LYS A 251 -21.79 10.44 6.95
N TYR A 252 -20.72 10.58 7.73
CA TYR A 252 -20.66 11.53 8.84
C TYR A 252 -19.97 12.84 8.50
N LEU A 253 -19.52 12.96 7.27
CA LEU A 253 -18.70 14.10 6.88
C LEU A 253 -19.58 15.20 6.28
N LYS A 254 -19.34 16.44 6.71
CA LYS A 254 -20.01 17.63 6.19
C LYS A 254 -19.66 17.82 4.72
N PRO A 255 -20.55 18.47 3.95
CA PRO A 255 -20.23 18.65 2.53
C PRO A 255 -18.90 19.39 2.38
N SER A 256 -18.63 20.30 3.31
CA SER A 256 -17.37 21.06 3.33
C SER A 256 -16.16 20.26 3.86
N GLY A 257 -16.36 19.00 4.23
CA GLY A 257 -15.35 18.22 4.94
C GLY A 257 -14.14 17.74 4.16
N ASN A 258 -13.18 17.19 4.89
CA ASN A 258 -11.91 16.74 4.37
C ASN A 258 -11.54 15.31 4.89
N MET A 259 -10.53 14.68 4.29
CA MET A 259 -10.10 13.35 4.72
C MET A 259 -8.59 13.24 4.81
N PHE A 260 -8.14 12.48 5.80
CA PHE A 260 -6.74 12.25 6.05
C PHE A 260 -6.55 10.74 6.15
N PRO A 261 -5.97 10.11 5.13
CA PRO A 261 -5.43 10.70 3.90
C PRO A 261 -6.53 11.04 2.90
N THR A 262 -6.19 11.84 1.91
CA THR A 262 -7.14 12.33 0.94
C THR A 262 -7.08 11.53 -0.36
N ILE A 263 -5.87 11.12 -0.75
CA ILE A 263 -5.68 10.46 -2.02
C ILE A 263 -4.64 9.37 -1.88
N GLY A 264 -4.68 8.44 -2.83
CA GLY A 264 -3.68 7.38 -2.95
C GLY A 264 -3.14 7.35 -4.37
N ASP A 265 -1.82 7.27 -4.48
CA ASP A 265 -1.14 7.13 -5.76
C ASP A 265 -0.58 5.70 -5.88
N VAL A 266 -0.68 5.14 -7.07
CA VAL A 266 0.10 3.96 -7.47
C VAL A 266 0.97 4.45 -8.60
N HIS A 267 2.27 4.17 -8.49
CA HIS A 267 3.20 4.41 -9.58
C HIS A 267 3.67 3.06 -10.03
N LEU A 268 3.85 2.91 -11.34
CA LEU A 268 4.44 1.72 -11.89
C LEU A 268 5.41 2.01 -13.02
N ALA A 269 6.39 1.15 -13.17
CA ALA A 269 7.41 1.31 -14.20
C ALA A 269 7.99 -0.05 -14.55
N PRO A 270 8.33 -0.29 -15.83
CA PRO A 270 8.95 -1.58 -16.15
C PRO A 270 10.39 -1.63 -15.69
N PHE A 271 10.87 -2.83 -15.35
CA PHE A 271 12.28 -3.00 -15.01
C PHE A 271 12.95 -4.17 -15.71
N THR A 272 14.28 -4.09 -15.86
CA THR A 272 15.08 -5.24 -16.24
C THR A 272 15.85 -5.76 -15.04
N ASP A 273 15.82 -7.08 -14.80
CA ASP A 273 16.60 -7.67 -13.69
C ASP A 273 16.70 -9.13 -13.88
N GLU A 274 17.65 -9.51 -14.72
CA GLU A 274 18.01 -10.87 -15.04
C GLU A 274 18.26 -11.78 -13.81
N GLN A 275 19.04 -11.30 -12.85
CA GLN A 275 19.33 -12.07 -11.68
C GLN A 275 18.03 -12.43 -10.95
N LEU A 276 17.14 -11.44 -10.80
CA LEU A 276 15.89 -11.68 -10.06
C LEU A 276 15.08 -12.75 -10.76
N TYR A 277 15.02 -12.70 -12.08
CA TYR A 277 14.18 -13.62 -12.82
C TYR A 277 14.75 -15.03 -12.85
N MET A 278 16.06 -15.16 -13.03
CA MET A 278 16.69 -16.48 -13.10
C MET A 278 16.76 -17.19 -11.72
N GLU A 279 16.79 -16.44 -10.63
CA GLU A 279 16.74 -17.07 -9.30
C GLU A 279 15.53 -17.98 -9.16
N GLN A 280 14.42 -17.60 -9.79
CA GLN A 280 13.19 -18.38 -9.68
C GLN A 280 13.42 -19.78 -10.23
N PHE A 281 14.20 -19.87 -11.33
CA PHE A 281 14.57 -21.14 -11.93
C PHE A 281 15.56 -21.90 -11.07
N THR A 282 16.51 -21.19 -10.45
CA THR A 282 17.52 -21.91 -9.71
C THR A 282 16.97 -22.53 -8.43
N LYS A 283 16.00 -21.86 -7.81
CA LYS A 283 15.23 -22.46 -6.70
C LYS A 283 14.53 -23.73 -7.15
N ALA A 284 13.78 -23.65 -8.25
CA ALA A 284 13.05 -24.83 -8.72
C ALA A 284 13.98 -25.97 -9.14
N ASN A 285 15.04 -25.64 -9.88
CA ASN A 285 16.01 -26.65 -10.31
C ASN A 285 16.63 -27.37 -9.15
N PHE A 286 17.09 -26.62 -8.17
CA PHE A 286 17.72 -27.18 -6.98
C PHE A 286 16.84 -28.21 -6.25
N TRP A 287 15.55 -27.93 -6.15
CA TRP A 287 14.66 -28.78 -5.36
C TRP A 287 13.89 -29.85 -6.13
N TYR A 288 13.67 -29.64 -7.42
CA TYR A 288 12.80 -30.54 -8.16
C TYR A 288 13.50 -31.40 -9.21
N GLN A 289 14.78 -31.17 -9.47
CA GLN A 289 15.54 -32.05 -10.39
C GLN A 289 16.22 -33.23 -9.71
N PRO A 290 16.94 -33.00 -8.59
CA PRO A 290 17.55 -34.19 -8.00
C PRO A 290 16.43 -35.03 -7.38
N SER A 291 16.60 -36.36 -7.34
CA SER A 291 15.66 -37.17 -6.59
C SER A 291 15.61 -36.68 -5.12
N PHE A 292 14.49 -36.95 -4.44
CA PHE A 292 14.24 -36.41 -3.11
C PHE A 292 13.95 -37.58 -2.18
N HIS A 293 14.96 -38.01 -1.42
CA HIS A 293 14.90 -39.24 -0.66
C HIS A 293 14.34 -40.34 -1.54
N GLY A 294 14.94 -40.54 -2.70
CA GLY A 294 14.52 -41.59 -3.63
C GLY A 294 13.22 -41.35 -4.40
N VAL A 295 12.62 -40.17 -4.27
CA VAL A 295 11.41 -39.85 -5.00
C VAL A 295 11.73 -38.83 -6.07
N ASP A 296 11.32 -39.11 -7.31
CA ASP A 296 11.48 -38.20 -8.44
C ASP A 296 10.38 -37.12 -8.39
N LEU A 297 10.80 -35.86 -8.32
CA LEU A 297 9.89 -34.70 -8.22
C LEU A 297 9.94 -33.80 -9.47
N SER A 298 10.69 -34.22 -10.49
CA SER A 298 10.94 -33.33 -11.64
C SER A 298 9.68 -32.93 -12.40
N ALA A 299 8.69 -33.81 -12.45
CA ALA A 299 7.41 -33.47 -13.08
C ALA A 299 6.72 -32.26 -12.45
N LEU A 300 7.15 -31.85 -11.26
CA LEU A 300 6.58 -30.66 -10.62
C LEU A 300 7.41 -29.40 -10.85
N ARG A 301 8.52 -29.53 -11.56
CA ARG A 301 9.44 -28.41 -11.75
C ARG A 301 8.79 -27.16 -12.33
N GLY A 302 8.00 -27.34 -13.38
CA GLY A 302 7.33 -26.25 -14.09
C GLY A 302 6.29 -25.58 -13.24
N ALA A 303 5.50 -26.39 -12.53
CA ALA A 303 4.50 -25.86 -11.63
C ALA A 303 5.18 -25.06 -10.56
N ALA A 304 6.35 -25.53 -10.10
CA ALA A 304 7.07 -24.83 -9.04
C ALA A 304 7.61 -23.51 -9.55
N VAL A 305 8.21 -23.51 -10.74
CA VAL A 305 8.71 -22.26 -11.33
C VAL A 305 7.56 -21.26 -11.49
N ASP A 306 6.42 -21.74 -11.98
CA ASP A 306 5.33 -20.87 -12.26
C ASP A 306 4.87 -20.24 -10.94
N GLU A 307 4.93 -21.01 -9.86
CA GLU A 307 4.49 -20.50 -8.55
C GLU A 307 5.51 -19.47 -8.00
N TYR A 308 6.81 -19.78 -8.08
CA TYR A 308 7.81 -18.80 -7.70
C TYR A 308 7.61 -17.42 -8.39
N PHE A 309 7.30 -17.41 -9.70
CA PHE A 309 7.04 -16.15 -10.43
C PHE A 309 5.88 -15.30 -9.88
N ARG A 310 5.01 -15.91 -9.08
CA ARG A 310 3.80 -15.27 -8.57
C ARG A 310 4.05 -14.72 -7.20
N GLN A 311 5.29 -14.76 -6.75
CA GLN A 311 5.63 -14.22 -5.43
C GLN A 311 6.11 -12.82 -5.58
N PRO A 312 5.30 -11.85 -5.18
CA PRO A 312 5.77 -10.46 -5.29
C PRO A 312 7.01 -10.27 -4.40
N VAL A 313 7.92 -9.38 -4.80
CA VAL A 313 9.21 -9.24 -4.16
C VAL A 313 9.41 -7.81 -3.67
N VAL A 314 9.75 -7.66 -2.39
CA VAL A 314 10.06 -6.35 -1.79
C VAL A 314 11.54 -6.34 -1.62
N ASP A 315 12.15 -5.20 -1.95
CA ASP A 315 13.57 -5.12 -2.24
C ASP A 315 13.91 -3.64 -2.26
N THR A 316 15.19 -3.33 -2.09
CA THR A 316 15.76 -2.05 -2.47
C THR A 316 16.55 -2.24 -3.78
N PHE A 317 16.23 -1.42 -4.77
CA PHE A 317 16.89 -1.52 -6.08
C PHE A 317 17.12 -0.10 -6.63
N ASP A 318 18.13 0.04 -7.47
CA ASP A 318 18.70 1.35 -7.81
C ASP A 318 18.15 2.10 -9.03
N ILE A 319 16.83 2.17 -9.16
CA ILE A 319 16.17 3.05 -10.15
C ILE A 319 16.77 3.08 -11.57
N ARG A 320 18.04 2.72 -11.71
CA ARG A 320 18.70 2.64 -12.99
C ARG A 320 18.23 1.39 -13.72
N ILE A 321 17.50 0.52 -13.02
CA ILE A 321 16.95 -0.68 -13.66
C ILE A 321 15.58 -0.40 -14.28
N LEU A 322 15.00 0.76 -13.92
CA LEU A 322 13.76 1.21 -14.53
C LEU A 322 14.00 1.56 -16.00
N MET A 323 13.12 1.10 -16.88
CA MET A 323 13.30 1.28 -18.31
C MET A 323 12.37 2.30 -18.97
N ALA A 324 11.61 3.03 -18.16
CA ALA A 324 10.74 4.10 -18.62
C ALA A 324 10.35 4.98 -17.45
N LYS A 325 9.92 6.21 -17.74
CA LYS A 325 9.32 7.08 -16.72
C LYS A 325 8.07 6.40 -16.17
N SER A 326 7.83 6.55 -14.87
CA SER A 326 6.66 5.92 -14.23
C SER A 326 5.34 6.50 -14.71
N VAL A 327 4.32 5.66 -14.63
CA VAL A 327 2.94 6.02 -14.86
C VAL A 327 2.22 6.05 -13.50
N LYS A 328 1.30 7.00 -13.34
CA LYS A 328 0.68 7.28 -12.03
C LYS A 328 -0.81 7.10 -12.10
N TYR A 329 -1.37 6.52 -11.04
CA TYR A 329 -2.80 6.38 -10.94
C TYR A 329 -3.27 6.81 -9.55
N THR A 330 -4.24 7.71 -9.51
CA THR A 330 -4.70 8.36 -8.30
C THR A 330 -6.09 7.89 -7.90
N VAL A 331 -6.21 7.45 -6.66
CA VAL A 331 -7.50 7.21 -6.03
C VAL A 331 -7.79 8.39 -5.10
N ASN A 332 -8.90 9.09 -5.34
CA ASN A 332 -9.36 10.11 -4.40
C ASN A 332 -10.43 9.59 -3.42
N PHE A 333 -10.06 9.39 -2.17
CA PHE A 333 -10.99 8.83 -1.18
C PHE A 333 -12.20 9.74 -0.90
N LEU A 334 -11.98 11.05 -1.00
CA LEU A 334 -13.04 12.01 -0.78
C LEU A 334 -14.15 11.85 -1.83
N GLU A 335 -13.77 11.58 -3.08
CA GLU A 335 -14.76 11.44 -4.16
C GLU A 335 -15.18 9.98 -4.45
N ALA A 336 -14.53 9.01 -3.82
CA ALA A 336 -14.75 7.59 -4.09
C ALA A 336 -16.12 7.07 -3.63
N LYS A 337 -16.81 6.38 -4.54
CA LYS A 337 -18.16 5.84 -4.28
C LYS A 337 -18.10 4.44 -3.66
N GLU A 338 -19.27 3.95 -3.27
CA GLU A 338 -19.43 2.59 -2.77
C GLU A 338 -18.90 1.55 -3.75
N GLY A 339 -17.94 0.75 -3.31
CA GLY A 339 -17.31 -0.27 -4.15
C GLY A 339 -16.24 0.16 -5.15
N ASP A 340 -15.78 1.41 -5.11
CA ASP A 340 -14.79 1.85 -6.11
C ASP A 340 -13.42 1.19 -5.91
N LEU A 341 -13.16 0.66 -4.74
CA LEU A 341 -11.85 0.11 -4.46
C LEU A 341 -11.84 -1.40 -4.59
N HIS A 342 -12.95 -1.98 -5.01
CA HIS A 342 -12.96 -3.41 -5.20
C HIS A 342 -12.04 -3.83 -6.38
N ARG A 343 -12.16 -3.09 -7.49
CA ARG A 343 -11.45 -3.42 -8.72
C ARG A 343 -10.84 -2.11 -9.24
N ILE A 344 -9.52 -2.06 -9.40
CA ILE A 344 -8.85 -0.83 -9.82
C ILE A 344 -8.14 -1.11 -11.13
N GLU A 345 -8.60 -0.48 -12.19
CA GLU A 345 -8.04 -0.66 -13.52
C GLU A 345 -6.96 0.38 -13.83
N ILE A 346 -5.72 -0.06 -14.03
CA ILE A 346 -4.69 0.86 -14.48
C ILE A 346 -4.19 0.55 -15.89
N PRO A 347 -4.71 1.24 -16.91
CA PRO A 347 -4.11 1.08 -18.26
C PRO A 347 -2.75 1.79 -18.31
N PHE A 348 -1.83 1.35 -19.16
CA PHE A 348 -0.55 2.04 -19.26
C PHE A 348 0.06 1.97 -20.65
N LYS A 349 0.89 2.98 -20.93
CA LYS A 349 1.67 3.06 -22.11
C LYS A 349 3.02 3.63 -21.70
N PHE A 350 4.06 2.82 -21.76
CA PHE A 350 5.38 3.32 -21.40
C PHE A 350 6.15 3.59 -22.67
N HIS A 351 6.81 4.73 -22.72
CA HIS A 351 7.69 5.02 -23.82
C HIS A 351 9.07 4.61 -23.35
N MET A 352 9.60 3.55 -23.96
CA MET A 352 10.82 2.94 -23.47
C MET A 352 12.04 3.83 -23.70
N LEU A 353 12.80 4.07 -22.64
CA LEU A 353 14.01 4.88 -22.73
C LEU A 353 15.27 4.04 -22.90
N HIS A 354 15.18 2.75 -22.61
CA HIS A 354 16.32 1.85 -22.70
C HIS A 354 15.91 0.59 -23.42
N SER A 355 16.89 -0.03 -24.13
CA SER A 355 16.67 -1.31 -24.77
C SER A 355 16.96 -2.46 -23.82
N GLY A 356 16.29 -3.58 -24.00
CA GLY A 356 16.66 -4.79 -23.28
C GLY A 356 15.43 -5.54 -22.86
N LEU A 357 15.59 -6.42 -21.87
CA LEU A 357 14.52 -7.29 -21.46
C LEU A 357 13.80 -6.66 -20.31
N VAL A 358 12.47 -6.57 -20.46
CA VAL A 358 11.59 -6.12 -19.42
C VAL A 358 11.21 -7.42 -18.68
N HIS A 359 11.52 -7.51 -17.40
CA HIS A 359 11.23 -8.71 -16.61
C HIS A 359 10.00 -8.57 -15.72
N GLY A 360 9.53 -7.34 -15.54
CA GLY A 360 8.29 -7.09 -14.81
C GLY A 360 8.02 -5.62 -14.61
N LEU A 361 7.10 -5.34 -13.71
CA LEU A 361 6.71 -3.99 -13.35
C LEU A 361 7.06 -3.75 -11.87
N ALA A 362 7.54 -2.55 -11.57
CA ALA A 362 7.79 -2.15 -10.19
C ALA A 362 6.66 -1.23 -9.76
N PHE A 363 6.15 -1.40 -8.54
CA PHE A 363 5.02 -0.63 -8.00
C PHE A 363 5.42 0.13 -6.76
N TRP A 364 4.99 1.38 -6.66
CA TRP A 364 5.02 2.04 -5.37
C TRP A 364 3.72 2.78 -5.03
N PHE A 365 3.41 2.81 -3.75
CA PHE A 365 2.12 3.28 -3.25
C PHE A 365 2.34 4.43 -2.26
N ASP A 366 1.55 5.47 -2.42
CA ASP A 366 1.67 6.64 -1.58
C ASP A 366 0.33 7.24 -1.28
N VAL A 367 0.17 7.64 -0.01
CA VAL A 367 -0.94 8.49 0.37
C VAL A 367 -0.54 9.92 0.69
N ALA A 368 -1.50 10.82 0.52
CA ALA A 368 -1.30 12.23 0.74
C ALA A 368 -2.48 12.84 1.49
N PHE A 369 -2.16 13.83 2.32
CA PHE A 369 -3.15 14.71 2.86
C PHE A 369 -3.10 16.04 2.15
N ILE A 370 -4.15 16.35 1.42
CA ILE A 370 -4.29 17.65 0.79
C ILE A 370 -5.00 18.59 1.74
N GLY A 371 -4.22 19.30 2.56
CA GLY A 371 -4.74 20.26 3.51
C GLY A 371 -5.02 21.59 2.86
N SER A 372 -5.51 22.55 3.63
CA SER A 372 -5.66 23.93 3.12
C SER A 372 -4.30 24.62 2.97
N ILE A 373 -3.37 24.30 3.88
CA ILE A 373 -2.03 24.87 3.83
C ILE A 373 -1.12 24.14 2.85
N MET A 374 -1.00 22.83 3.01
CA MET A 374 0.11 22.09 2.45
C MET A 374 -0.32 20.65 2.11
N THR A 375 -0.14 20.26 0.84
CA THR A 375 -0.23 18.83 0.47
C THR A 375 1.03 18.13 0.97
N VAL A 376 0.85 17.15 1.84
CA VAL A 376 1.96 16.42 2.42
C VAL A 376 1.78 14.91 2.18
N TRP A 377 2.84 14.28 1.66
CA TRP A 377 2.85 12.86 1.35
C TRP A 377 3.25 12.09 2.59
N LEU A 378 2.62 10.95 2.83
CA LEU A 378 2.66 10.31 4.14
C LEU A 378 3.27 8.91 4.10
N SER A 379 3.91 8.58 2.99
CA SER A 379 4.58 7.30 2.84
C SER A 379 6.02 7.55 2.46
N THR A 380 6.51 8.74 2.87
CA THR A 380 7.75 9.42 2.42
C THR A 380 7.61 10.09 1.03
N ALA A 381 8.06 11.36 0.93
CA ALA A 381 7.69 12.37 -0.13
C ALA A 381 8.63 12.60 -1.37
N PRO A 382 8.09 13.20 -2.48
CA PRO A 382 8.88 13.54 -3.68
C PRO A 382 9.34 15.03 -3.83
N THR A 383 10.61 15.18 -4.23
CA THR A 383 11.20 16.44 -4.74
C THR A 383 12.45 16.05 -5.56
N GLU A 384 13.18 15.03 -5.05
CA GLU A 384 14.26 14.31 -5.75
C GLU A 384 14.31 12.84 -5.23
N PRO A 385 15.23 11.97 -5.78
CA PRO A 385 15.23 10.52 -5.39
C PRO A 385 15.50 10.14 -3.91
N LEU A 386 14.45 9.62 -3.24
CA LEU A 386 14.50 8.94 -1.93
C LEU A 386 13.49 7.75 -1.83
N THR A 387 13.10 7.34 -0.61
CA THR A 387 12.60 5.95 -0.38
C THR A 387 11.09 5.74 -0.05
N HIS A 388 10.45 4.82 -0.77
CA HIS A 388 9.02 4.57 -0.57
C HIS A 388 8.75 3.43 0.44
N TRP A 389 7.92 3.72 1.44
CA TRP A 389 7.60 2.71 2.42
C TRP A 389 6.91 1.54 1.73
N TYR A 390 6.09 1.83 0.72
CA TYR A 390 5.24 0.80 0.12
C TYR A 390 5.60 0.57 -1.36
N GLN A 391 6.46 -0.41 -1.61
CA GLN A 391 6.92 -0.73 -2.96
C GLN A 391 6.95 -2.24 -3.19
N VAL A 392 6.90 -2.68 -4.44
CA VAL A 392 6.94 -4.09 -4.74
C VAL A 392 7.21 -4.29 -6.22
N ARG A 393 7.88 -5.39 -6.56
CA ARG A 393 8.13 -5.77 -7.96
C ARG A 393 7.45 -7.08 -8.26
N CYS A 394 6.81 -7.12 -9.42
CA CYS A 394 6.11 -8.31 -9.88
C CYS A 394 6.72 -8.76 -11.20
N LEU A 395 7.11 -10.02 -11.30
CA LEU A 395 7.75 -10.53 -12.51
C LEU A 395 6.70 -10.93 -13.54
N PHE A 396 7.05 -10.84 -14.82
CA PHE A 396 6.31 -11.52 -15.88
C PHE A 396 6.81 -12.96 -15.92
N GLN A 397 5.96 -13.88 -16.30
CA GLN A 397 6.38 -15.25 -16.56
C GLN A 397 7.44 -15.32 -17.67
N SER A 398 7.28 -14.49 -18.70
CA SER A 398 8.23 -14.44 -19.85
C SER A 398 8.65 -13.01 -20.11
N PRO A 399 9.96 -12.76 -20.18
CA PRO A 399 10.45 -11.42 -20.44
C PRO A 399 10.11 -10.93 -21.84
N LEU A 400 10.04 -9.60 -21.97
CA LEU A 400 9.73 -8.98 -23.24
C LEU A 400 10.92 -8.21 -23.72
N PHE A 401 11.24 -8.34 -24.99
CA PHE A 401 12.29 -7.53 -25.55
C PHE A 401 11.70 -6.24 -26.11
N ALA A 402 12.27 -5.11 -25.74
CA ALA A 402 11.86 -3.85 -26.30
C ALA A 402 13.07 -3.01 -26.68
N LYS A 403 12.99 -2.35 -27.82
CA LYS A 403 13.99 -1.35 -28.23
C LYS A 403 13.66 -0.04 -27.53
N ALA A 404 14.68 0.79 -27.30
CA ALA A 404 14.43 2.16 -26.83
C ALA A 404 13.61 2.86 -27.92
N GLY A 405 12.55 3.55 -27.51
CA GLY A 405 11.66 4.19 -28.50
C GLY A 405 10.40 3.36 -28.76
N ASP A 406 10.41 2.08 -28.40
CA ASP A 406 9.22 1.26 -28.52
C ASP A 406 8.23 1.62 -27.39
N THR A 407 7.01 1.11 -27.48
CA THR A 407 6.00 1.35 -26.47
C THR A 407 5.56 0.02 -25.88
N LEU A 408 5.38 0.02 -24.57
CA LEU A 408 4.95 -1.14 -23.84
C LEU A 408 3.61 -0.74 -23.25
N SER A 409 2.54 -1.38 -23.68
CA SER A 409 1.23 -1.05 -23.18
C SER A 409 0.54 -2.27 -22.62
N GLY A 410 -0.46 -2.00 -21.79
CA GLY A 410 -1.26 -3.05 -21.24
C GLY A 410 -2.01 -2.50 -20.08
N THR A 411 -2.37 -3.37 -19.17
CA THR A 411 -3.23 -3.00 -18.07
C THR A 411 -2.88 -3.80 -16.81
N CYS A 412 -2.97 -3.12 -15.66
CA CYS A 412 -2.93 -3.74 -14.33
C CYS A 412 -4.31 -3.73 -13.75
N LEU A 413 -4.76 -4.89 -13.32
CA LEU A 413 -5.98 -4.98 -12.52
C LEU A 413 -5.60 -5.36 -11.10
N LEU A 414 -6.05 -4.54 -10.16
CA LEU A 414 -5.96 -4.86 -8.76
C LEU A 414 -7.36 -5.25 -8.31
N ILE A 415 -7.53 -6.51 -7.92
CA ILE A 415 -8.83 -6.92 -7.40
C ILE A 415 -8.75 -7.53 -6.00
N ALA A 416 -9.68 -7.10 -5.14
CA ALA A 416 -9.77 -7.63 -3.78
C ALA A 416 -10.06 -9.11 -3.86
N ASN A 417 -9.36 -9.91 -3.06
CA ASN A 417 -9.52 -11.37 -3.12
C ASN A 417 -10.20 -11.92 -1.86
N LYS A 418 -10.48 -13.24 -1.85
CA LYS A 418 -11.15 -13.92 -0.72
C LYS A 418 -10.33 -13.94 0.57
N ARG A 419 -9.05 -13.55 0.48
CA ARG A 419 -8.11 -13.74 1.60
C ARG A 419 -7.63 -12.45 2.21
N GLN A 420 -8.44 -11.40 2.14
CA GLN A 420 -8.06 -10.11 2.75
C GLN A 420 -6.91 -9.28 2.13
N SER A 421 -6.52 -9.56 0.89
CA SER A 421 -5.75 -8.55 0.15
C SER A 421 -6.22 -8.42 -1.28
N TYR A 422 -5.29 -8.08 -2.16
CA TYR A 422 -5.57 -7.83 -3.56
C TYR A 422 -4.75 -8.76 -4.41
N ASP A 423 -5.35 -9.23 -5.49
CA ASP A 423 -4.60 -9.88 -6.55
C ASP A 423 -4.16 -8.81 -7.55
N ILE A 424 -2.99 -9.00 -8.14
CA ILE A 424 -2.55 -8.16 -9.27
C ILE A 424 -2.44 -9.00 -10.55
N SER A 425 -3.22 -8.55 -11.54
CA SER A 425 -3.16 -9.01 -12.90
C SER A 425 -2.37 -7.99 -13.70
N ILE A 426 -1.29 -8.44 -14.34
CA ILE A 426 -0.55 -7.56 -15.25
C ILE A 426 -0.49 -8.21 -16.61
N VAL A 427 -0.91 -7.44 -17.63
CA VAL A 427 -0.81 -7.84 -19.05
C VAL A 427 0.01 -6.78 -19.80
N ALA A 428 0.94 -7.22 -20.65
CA ALA A 428 1.82 -6.28 -21.33
C ALA A 428 2.18 -6.71 -22.73
N GLN A 429 2.37 -5.71 -23.57
CA GLN A 429 2.59 -5.90 -24.99
C GLN A 429 3.59 -4.87 -25.51
N VAL A 430 4.48 -5.30 -26.40
CA VAL A 430 5.33 -4.35 -27.11
C VAL A 430 4.57 -4.05 -28.40
N ASP A 431 4.11 -2.81 -28.54
CA ASP A 431 3.28 -2.44 -29.69
C ASP A 431 3.93 -2.72 -31.06
N GLN A 432 5.23 -2.46 -31.19
CA GLN A 432 5.86 -2.53 -32.51
C GLN A 432 5.95 -3.96 -33.02
N THR A 433 5.72 -4.91 -32.14
CA THR A 433 6.18 -6.25 -32.40
C THR A 433 5.09 -7.28 -32.08
N GLY A 434 4.11 -6.86 -31.27
CA GLY A 434 3.01 -7.73 -30.90
C GLY A 434 3.27 -8.68 -29.77
N SER A 435 4.51 -8.76 -29.29
CA SER A 435 4.91 -9.66 -28.20
C SER A 435 4.21 -9.33 -26.87
N LYS A 436 3.81 -10.37 -26.16
CA LYS A 436 2.81 -10.30 -25.11
C LYS A 436 3.26 -11.22 -23.98
N SER A 437 3.18 -10.71 -22.76
CA SER A 437 3.41 -11.52 -21.58
C SER A 437 2.43 -11.08 -20.51
N SER A 438 2.30 -11.89 -19.46
CA SER A 438 1.41 -11.53 -18.38
C SER A 438 1.71 -12.33 -17.13
N ASN A 439 1.10 -11.93 -16.01
CA ASN A 439 1.21 -12.66 -14.76
C ASN A 439 0.06 -12.29 -13.83
N LEU A 440 -0.19 -13.15 -12.84
CA LEU A 440 -1.24 -12.98 -11.87
C LEU A 440 -0.69 -13.35 -10.47
N LEU A 441 -0.70 -12.38 -9.55
CA LEU A 441 -0.03 -12.48 -8.24
C LEU A 441 -0.98 -12.11 -7.10
N ASP A 442 -0.75 -12.68 -5.92
CA ASP A 442 -1.46 -12.30 -4.70
C ASP A 442 -0.50 -11.48 -3.87
N LEU A 443 -0.96 -10.34 -3.34
CA LEU A 443 -0.13 -9.49 -2.48
C LEU A 443 -0.17 -9.84 -0.99
N LYS A 444 -0.81 -10.96 -0.65
CA LYS A 444 -0.98 -11.31 0.74
C LYS A 444 0.38 -11.53 1.41
N ASN A 445 1.25 -12.30 0.74
CA ASN A 445 2.56 -12.64 1.29
C ASN A 445 3.75 -12.28 0.41
N PRO A 446 4.09 -10.99 0.33
CA PRO A 446 5.31 -10.68 -0.43
C PRO A 446 6.48 -11.31 0.29
N PHE A 447 7.57 -11.49 -0.44
CA PHE A 447 8.83 -11.90 0.14
C PHE A 447 9.77 -10.72 0.12
N PHE A 448 10.57 -10.58 1.18
CA PHE A 448 11.66 -9.62 1.22
C PHE A 448 12.91 -10.32 0.73
N ARG A 449 13.53 -9.74 -0.29
CA ARG A 449 14.76 -10.25 -0.85
C ARG A 449 15.93 -9.52 -0.26
N TYR A 450 16.73 -10.26 0.50
CA TYR A 450 17.89 -9.76 1.20
C TYR A 450 19.12 -10.14 0.41
N THR A 451 19.98 -9.15 0.14
CA THR A 451 21.12 -9.34 -0.76
C THR A 451 22.45 -9.48 0.00
C1 BEN B . -2.34 -16.85 -7.39
C2 BEN B . -3.10 -17.81 -8.09
C3 BEN B . -4.40 -17.52 -8.55
C4 BEN B . -4.95 -16.25 -8.29
C5 BEN B . -4.20 -15.29 -7.59
C6 BEN B . -2.92 -15.59 -7.14
C BEN B . -0.94 -17.20 -6.89
N1 BEN B . -0.56 -18.41 -6.92
N2 BEN B . -0.12 -16.27 -6.36
C1 BEN C . 10.59 -4.56 6.32
C2 BEN C . 11.65 -3.63 6.29
C3 BEN C . 12.92 -4.03 5.88
C4 BEN C . 13.14 -5.35 5.50
C5 BEN C . 12.11 -6.28 5.53
C6 BEN C . 10.84 -5.89 5.94
C BEN C . 9.22 -4.14 6.78
N1 BEN C . 8.86 -2.92 6.70
N2 BEN C . 8.38 -5.07 7.27
C1 BEN D . -8.22 -12.75 -11.15
C2 BEN D . -7.93 -11.64 -10.36
C3 BEN D . -7.65 -10.40 -10.95
C4 BEN D . -7.66 -10.30 -12.34
C5 BEN D . -7.94 -11.41 -13.14
C6 BEN D . -8.23 -12.65 -12.55
C BEN D . -8.52 -14.06 -10.51
N1 BEN D . -8.53 -14.14 -9.25
N2 BEN D . -8.77 -15.16 -11.25
C1 BEN E . 4.67 -3.22 1.08
C2 BEN E . 4.45 -3.87 -0.14
C3 BEN E . 3.29 -4.62 -0.34
C4 BEN E . 2.34 -4.71 0.68
C5 BEN E . 2.55 -4.06 1.90
C6 BEN E . 3.72 -3.31 2.09
C BEN E . 5.93 -2.42 1.33
N1 BEN E . 6.88 -2.32 0.49
N2 BEN E . 6.04 -1.78 2.50
C1 BEN F . -18.07 14.34 -0.25
C2 BEN F . -18.16 15.14 0.88
C3 BEN F . -18.80 14.66 2.02
C4 BEN F . -19.36 13.39 2.03
C5 BEN F . -19.28 12.58 0.90
C6 BEN F . -18.63 13.05 -0.24
C BEN F . -17.37 14.85 -1.49
N1 BEN F . -16.31 15.52 -1.40
N2 BEN F . -17.89 14.60 -2.70
C1 BEN G . -4.48 1.72 -2.89
C2 BEN G . -3.69 0.58 -2.97
C3 BEN G . -4.28 -0.68 -3.09
C4 BEN G . -5.67 -0.77 -3.12
C5 BEN G . -6.46 0.37 -3.05
C6 BEN G . -5.86 1.62 -2.93
C BEN G . -3.85 3.07 -2.77
N1 BEN G . -2.70 3.29 -3.22
N2 BEN G . -4.53 4.04 -2.16
#